data_3VB5
#
_entry.id   3VB5
#
_cell.length_a   52.270
_cell.length_b   96.396
_cell.length_c   67.703
_cell.angle_alpha   90.00
_cell.angle_beta   103.26
_cell.angle_gamma   90.00
#
_symmetry.space_group_name_H-M   'P 1 21 1'
#
loop_
_entity.id
_entity.type
_entity.pdbx_description
1 polymer '3C-like proteinase'
2 polymer 'C4Z inhibitor'
3 non-polymer 1,2-ETHANEDIOL
4 water water
#
loop_
_entity_poly.entity_id
_entity_poly.type
_entity_poly.pdbx_seq_one_letter_code
_entity_poly.pdbx_strand_id
1 'polypeptide(L)'
;SGFRKMAFPSGKVEGCMVQVTCGTTTLNGLWLDDTVYCPRHVICTAEDMLNPNYEDLLIRKSNHSFLVQAGNVQLRVIGH
SMQNCLLRLKVDTSNPKTPKYKFVRIQPGQTFSVLACYNGSPSGVYQCAMRPNHTIKGSFLNGSCGSVGFNIDYDCVSFC
YMHHMELPTGVHAGTDLEGKFYGPFVDRQTAQAAGTDTTITLNVLAWLYAAVINGDRWFLNRFTTTLNDFNLVAMKYNYE
PLTQDHVDILGPLSAQTGIAVLDMCAALKELLQNGMNGRTILGSTILEDEFTPFDVVRQCSGVTFQ
;
A,B
2 'polypeptide(L)' (PHQ)AVL(0JU) E,F
#
loop_
_chem_comp.id
_chem_comp.type
_chem_comp.name
_chem_comp.formula
0JU non-polymer (4S,5Z)-4-amino-5-iminopentanamide 'C5 H11 N3 O'
EDO non-polymer 1,2-ETHANEDIOL 'C2 H6 O2'
PHQ non-polymer 'benzyl chlorocarbonate' 'C8 H7 Cl O2'
#
# COMPACT_ATOMS: atom_id res chain seq x y z
N SER A 1 -13.93 -10.08 -2.96
CA SER A 1 -14.46 -8.98 -2.18
C SER A 1 -13.38 -8.40 -1.26
N GLY A 2 -13.77 -7.43 -0.44
CA GLY A 2 -12.81 -6.70 0.38
C GLY A 2 -12.32 -5.48 -0.37
N PHE A 3 -11.81 -4.49 0.34
CA PHE A 3 -11.36 -3.26 -0.29
C PHE A 3 -10.21 -2.68 0.52
N ARG A 4 -9.08 -2.48 -0.14
CA ARG A 4 -7.86 -1.97 0.50
C ARG A 4 -7.31 -0.72 -0.19
N LYS A 5 -6.61 0.13 0.55
CA LYS A 5 -5.87 1.19 -0.13
C LYS A 5 -4.70 0.47 -0.79
N MET A 6 -4.85 0.28 -2.10
CA MET A 6 -3.97 -0.56 -2.91
C MET A 6 -3.07 0.29 -3.82
N ALA A 7 -1.78 -0.04 -3.83
CA ALA A 7 -0.82 0.65 -4.70
C ALA A 7 -0.47 -0.24 -5.87
N PHE A 8 0.07 0.36 -6.93
CA PHE A 8 0.52 -0.42 -8.06
C PHE A 8 1.79 -1.17 -7.68
N PRO A 9 2.04 -2.35 -8.29
CA PRO A 9 3.30 -3.03 -8.01
C PRO A 9 4.46 -2.13 -8.45
N SER A 10 5.47 -1.97 -7.58
CA SER A 10 6.50 -0.96 -7.74
C SER A 10 7.78 -1.39 -8.49
N GLY A 11 7.90 -2.67 -8.82
CA GLY A 11 9.08 -3.21 -9.51
C GLY A 11 9.63 -2.43 -10.71
N LYS A 12 8.75 -2.14 -11.67
CA LYS A 12 9.14 -1.34 -12.85
C LYS A 12 9.82 -0.03 -12.48
N VAL A 13 9.46 0.52 -11.32
CA VAL A 13 10.01 1.80 -10.88
C VAL A 13 11.25 1.56 -10.05
N GLU A 14 11.26 0.48 -9.27
CA GLU A 14 12.42 0.15 -8.46
C GLU A 14 13.68 0.07 -9.33
N GLY A 15 13.51 -0.52 -10.51
CA GLY A 15 14.63 -0.69 -11.44
C GLY A 15 15.17 0.61 -12.05
N CYS A 16 14.53 1.72 -11.71
CA CYS A 16 14.92 3.01 -12.26
C CYS A 16 15.54 3.92 -11.20
N MET A 17 15.53 3.47 -9.95
CA MET A 17 15.93 4.35 -8.85
C MET A 17 17.45 4.48 -8.71
N VAL A 18 17.91 5.72 -8.66
CA VAL A 18 19.32 5.97 -8.46
C VAL A 18 19.54 7.01 -7.38
N GLN A 19 20.81 7.23 -7.09
CA GLN A 19 21.24 8.14 -6.05
C GLN A 19 22.04 9.26 -6.71
N VAL A 20 21.82 10.50 -6.25
CA VAL A 20 22.50 11.67 -6.78
C VAL A 20 23.09 12.54 -5.68
N THR A 21 24.38 12.84 -5.80
CA THR A 21 25.07 13.64 -4.78
C THR A 21 25.85 14.79 -5.39
N CYS A 22 25.73 15.93 -4.74
CA CYS A 22 26.47 17.12 -5.09
C CYS A 22 27.08 17.59 -3.78
N GLY A 23 28.41 17.51 -3.71
CA GLY A 23 29.10 17.83 -2.48
C GLY A 23 28.51 17.00 -1.36
N THR A 24 27.90 17.67 -0.39
CA THR A 24 27.37 17.02 0.80
C THR A 24 25.89 16.58 0.66
N THR A 25 25.23 16.98 -0.41
CA THR A 25 23.80 16.71 -0.56
C THR A 25 23.54 15.48 -1.42
N THR A 26 22.76 14.54 -0.87
CA THR A 26 22.34 13.36 -1.61
C THR A 26 20.82 13.17 -1.56
N LEU A 27 20.22 12.95 -2.72
CA LEU A 27 18.82 12.60 -2.78
C LEU A 27 18.61 11.56 -3.89
N ASN A 28 17.36 11.26 -4.19
CA ASN A 28 17.04 10.24 -5.19
C ASN A 28 16.93 10.78 -6.59
N GLY A 29 17.27 9.96 -7.57
CA GLY A 29 17.03 10.29 -8.96
C GLY A 29 16.33 9.17 -9.70
N LEU A 30 15.74 9.53 -10.85
CA LEU A 30 15.03 8.55 -11.66
C LEU A 30 15.77 8.34 -12.97
N TRP A 31 16.16 7.11 -13.24
CA TRP A 31 17.06 6.80 -14.36
C TRP A 31 16.32 6.12 -15.51
N LEU A 32 16.11 6.84 -16.60
CA LEU A 32 15.38 6.28 -17.74
C LEU A 32 16.25 6.34 -19.00
N ASP A 33 16.55 5.19 -19.57
CA ASP A 33 17.45 5.13 -20.71
C ASP A 33 18.79 5.74 -20.30
N ASP A 34 19.13 6.87 -20.91
CA ASP A 34 20.43 7.49 -20.62
C ASP A 34 20.35 8.83 -19.88
N THR A 35 19.21 9.10 -19.25
CA THR A 35 19.06 10.32 -18.43
C THR A 35 18.63 10.04 -17.00
N VAL A 36 19.16 10.82 -16.08
CA VAL A 36 18.74 10.76 -14.68
C VAL A 36 18.03 12.06 -14.37
N TYR A 37 16.84 11.94 -13.80
CA TYR A 37 16.06 13.11 -13.41
C TYR A 37 16.06 13.25 -11.90
N CYS A 38 16.27 14.47 -11.41
CA CYS A 38 16.24 14.72 -9.97
C CYS A 38 15.91 16.19 -9.66
N PRO A 39 15.48 16.46 -8.40
CA PRO A 39 15.25 17.83 -7.93
C PRO A 39 16.49 18.67 -8.14
N ARG A 40 16.31 19.88 -8.67
CA ARG A 40 17.46 20.74 -8.90
C ARG A 40 18.05 21.18 -7.58
N HIS A 41 17.25 21.16 -6.51
CA HIS A 41 17.77 21.64 -5.24
C HIS A 41 18.87 20.73 -4.67
N VAL A 42 19.22 19.67 -5.38
CA VAL A 42 20.37 18.84 -5.01
C VAL A 42 21.66 19.68 -5.03
N ILE A 43 21.62 20.77 -5.79
CA ILE A 43 22.80 21.63 -5.93
C ILE A 43 22.90 22.78 -4.92
N CYS A 44 21.92 22.92 -4.02
CA CYS A 44 21.92 24.05 -3.10
C CYS A 44 22.75 23.79 -1.86
N THR A 45 23.40 24.85 -1.35
CA THR A 45 24.14 24.79 -0.09
C THR A 45 23.18 24.98 1.07
N ALA A 46 23.64 24.70 2.27
CA ALA A 46 22.93 25.06 3.48
C ALA A 46 22.52 26.53 3.42
N GLU A 47 23.38 27.35 2.84
CA GLU A 47 23.05 28.74 2.57
C GLU A 47 22.02 28.83 1.46
N ASP A 48 22.49 28.65 0.22
CA ASP A 48 21.65 28.71 -0.96
C ASP A 48 20.14 28.55 -0.72
N MET A 49 19.75 27.55 0.08
CA MET A 49 18.36 27.13 0.25
C MET A 49 17.32 28.22 0.57
N LEU A 50 17.75 29.34 1.14
CA LEU A 50 16.78 30.37 1.48
C LEU A 50 16.39 31.28 0.31
N ASN A 51 17.37 31.68 -0.50
CA ASN A 51 17.12 32.58 -1.62
C ASN A 51 18.03 32.19 -2.76
N PRO A 52 17.91 30.95 -3.23
CA PRO A 52 18.89 30.44 -4.19
C PRO A 52 18.57 30.89 -5.60
N ASN A 53 19.59 31.19 -6.40
CA ASN A 53 19.37 31.43 -7.81
C ASN A 53 19.96 30.26 -8.54
N TYR A 54 19.10 29.41 -9.07
CA TYR A 54 19.54 28.16 -9.67
C TYR A 54 20.31 28.29 -10.99
N GLU A 55 20.01 29.30 -11.82
CA GLU A 55 20.82 29.50 -13.04
C GLU A 55 22.24 29.72 -12.58
N ASP A 56 22.39 30.54 -11.55
CA ASP A 56 23.69 30.92 -11.04
C ASP A 56 24.41 29.75 -10.35
N LEU A 57 23.64 28.95 -9.64
CA LEU A 57 24.21 27.76 -9.03
C LEU A 57 24.60 26.75 -10.08
N LEU A 58 23.77 26.64 -11.13
CA LEU A 58 24.03 25.61 -12.13
C LEU A 58 25.27 25.89 -13.00
N ILE A 59 25.49 27.15 -13.36
CA ILE A 59 26.62 27.51 -14.22
C ILE A 59 27.98 27.24 -13.56
N ARG A 60 28.00 27.23 -12.23
CA ARG A 60 29.22 26.96 -11.49
C ARG A 60 29.53 25.48 -11.33
N LYS A 61 28.73 24.62 -11.97
CA LYS A 61 28.87 23.17 -11.83
C LYS A 61 29.31 22.45 -13.10
N SER A 62 30.10 21.39 -12.94
CA SER A 62 30.57 20.63 -14.09
C SER A 62 29.87 19.29 -14.14
N ASN A 63 29.89 18.65 -15.31
CA ASN A 63 29.37 17.30 -15.42
C ASN A 63 29.89 16.40 -14.32
N HIS A 64 31.00 16.79 -13.74
CA HIS A 64 31.80 15.88 -12.92
C HIS A 64 31.65 16.14 -11.44
N SER A 65 31.01 17.26 -11.08
CA SER A 65 30.70 17.52 -9.68
C SER A 65 29.41 16.79 -9.28
N PHE A 66 28.78 16.17 -10.27
CA PHE A 66 27.62 15.29 -10.04
C PHE A 66 28.03 13.84 -9.86
N LEU A 67 27.80 13.33 -8.66
CA LEU A 67 28.08 11.93 -8.36
C LEU A 67 26.80 11.08 -8.47
N VAL A 68 26.66 10.33 -9.56
CA VAL A 68 25.45 9.53 -9.77
C VAL A 68 25.75 8.06 -9.52
N GLN A 69 24.92 7.42 -8.71
CA GLN A 69 25.18 6.05 -8.30
C GLN A 69 23.97 5.12 -8.41
N ALA A 70 24.19 4.01 -9.10
CA ALA A 70 23.24 2.90 -9.11
C ALA A 70 23.73 1.82 -8.14
N GLY A 71 23.13 1.81 -6.96
CA GLY A 71 23.65 1.00 -5.87
C GLY A 71 25.08 1.45 -5.57
N ASN A 72 26.00 0.49 -5.51
CA ASN A 72 27.41 0.80 -5.25
C ASN A 72 28.15 1.41 -6.44
N VAL A 73 27.50 1.44 -7.61
CA VAL A 73 28.19 1.69 -8.89
C VAL A 73 28.00 3.10 -9.45
N GLN A 74 29.11 3.79 -9.68
CA GLN A 74 29.02 5.15 -10.18
C GLN A 74 28.67 5.16 -11.67
N LEU A 75 27.76 6.06 -12.05
CA LEU A 75 27.42 6.31 -13.45
C LEU A 75 27.99 7.65 -13.90
N ARG A 76 28.81 7.63 -14.95
CA ARG A 76 29.52 8.82 -15.41
C ARG A 76 28.57 9.83 -16.02
N VAL A 77 28.54 11.03 -15.44
CA VAL A 77 27.75 12.14 -15.97
C VAL A 77 28.45 12.85 -17.12
N ILE A 78 27.82 12.84 -18.29
CA ILE A 78 28.41 13.45 -19.47
C ILE A 78 27.65 14.67 -19.95
N GLY A 79 26.73 15.17 -19.13
CA GLY A 79 25.88 16.26 -19.55
C GLY A 79 24.86 16.59 -18.48
N HIS A 80 24.65 17.88 -18.23
CA HIS A 80 23.67 18.29 -17.24
C HIS A 80 22.92 19.52 -17.75
N SER A 81 21.64 19.61 -17.41
CA SER A 81 20.80 20.71 -17.84
C SER A 81 19.59 20.82 -16.94
N MET A 82 19.04 22.02 -16.83
CA MET A 82 17.92 22.26 -15.94
C MET A 82 16.65 22.33 -16.77
N GLN A 83 15.62 21.63 -16.32
CA GLN A 83 14.31 21.71 -16.94
C GLN A 83 13.29 22.12 -15.88
N ASN A 84 12.89 23.40 -15.93
CA ASN A 84 12.05 23.96 -14.88
C ASN A 84 12.67 23.66 -13.51
N CYS A 85 12.00 22.87 -12.68
CA CYS A 85 12.56 22.56 -11.36
C CYS A 85 13.35 21.24 -11.21
N LEU A 86 13.70 20.62 -12.32
CA LEU A 86 14.48 19.38 -12.30
C LEU A 86 15.85 19.61 -12.93
N LEU A 87 16.78 18.71 -12.64
CA LEU A 87 18.02 18.59 -13.38
C LEU A 87 17.84 17.34 -14.21
N ARG A 88 18.39 17.37 -15.42
CA ARG A 88 18.52 16.20 -16.26
C ARG A 88 20.00 15.96 -16.42
N LEU A 89 20.44 14.78 -16.03
CA LEU A 89 21.83 14.39 -16.13
C LEU A 89 21.93 13.28 -17.16
N LYS A 90 22.56 13.54 -18.29
CA LYS A 90 22.88 12.46 -19.22
C LYS A 90 24.09 11.71 -18.67
N VAL A 91 23.94 10.40 -18.51
CA VAL A 91 25.04 9.55 -18.11
C VAL A 91 25.48 8.71 -19.29
N ASP A 92 26.61 8.03 -19.14
CA ASP A 92 27.29 7.43 -20.28
C ASP A 92 26.85 6.00 -20.56
N THR A 93 25.80 5.55 -19.87
CA THR A 93 25.28 4.20 -20.11
C THR A 93 23.78 4.12 -19.81
N SER A 94 23.11 3.21 -20.51
CA SER A 94 21.67 3.12 -20.43
C SER A 94 21.16 2.12 -19.39
N ASN A 95 19.99 2.43 -18.85
CA ASN A 95 19.33 1.56 -17.90
C ASN A 95 18.49 0.49 -18.59
N PRO A 96 18.98 -0.76 -18.60
CA PRO A 96 18.29 -1.82 -19.34
C PRO A 96 16.99 -2.19 -18.64
N LYS A 97 16.73 -1.59 -17.50
CA LYS A 97 15.51 -1.90 -16.77
C LYS A 97 14.42 -0.86 -17.01
N THR A 98 14.72 0.10 -17.87
CA THR A 98 13.76 1.13 -18.23
C THR A 98 12.49 0.51 -18.81
N PRO A 99 11.34 0.76 -18.16
CA PRO A 99 10.08 0.19 -18.64
C PRO A 99 9.50 1.12 -19.70
N LYS A 100 8.48 0.64 -20.41
CA LYS A 100 7.65 1.53 -21.20
C LYS A 100 7.17 2.61 -20.22
N TYR A 101 7.20 3.88 -20.60
CA TYR A 101 6.76 4.93 -19.68
C TYR A 101 6.29 6.16 -20.42
N LYS A 102 5.58 7.01 -19.70
CA LYS A 102 5.38 8.36 -20.17
C LYS A 102 5.31 9.29 -18.97
N PHE A 103 5.47 10.58 -19.24
CA PHE A 103 5.38 11.60 -18.21
C PHE A 103 3.99 12.21 -18.31
N VAL A 104 3.25 12.20 -17.21
CA VAL A 104 1.94 12.81 -17.22
C VAL A 104 1.76 13.79 -16.06
N ARG A 105 0.91 14.79 -16.27
CA ARG A 105 0.57 15.71 -15.19
C ARG A 105 -0.85 15.41 -14.75
N ILE A 106 -1.03 15.04 -13.49
CA ILE A 106 -2.38 14.66 -13.04
C ILE A 106 -3.16 15.84 -12.50
N GLN A 107 -4.48 15.66 -12.42
CA GLN A 107 -5.35 16.68 -11.87
C GLN A 107 -5.56 16.39 -10.40
N PRO A 108 -5.77 17.45 -9.59
CA PRO A 108 -6.05 17.22 -8.17
C PRO A 108 -7.26 16.32 -7.99
N GLY A 109 -7.20 15.46 -6.99
CA GLY A 109 -8.26 14.49 -6.80
C GLY A 109 -7.90 13.10 -7.29
N GLN A 110 -6.99 12.98 -8.26
CA GLN A 110 -6.52 11.68 -8.73
C GLN A 110 -5.53 11.05 -7.78
N THR A 111 -5.35 9.74 -7.90
CA THR A 111 -4.45 9.01 -7.01
C THR A 111 -3.24 8.48 -7.77
N PHE A 112 -2.19 8.13 -7.03
CA PHE A 112 -1.03 7.50 -7.61
C PHE A 112 -0.24 6.82 -6.50
N SER A 113 0.65 5.92 -6.89
CA SER A 113 1.47 5.20 -5.95
C SER A 113 2.78 5.95 -5.81
N VAL A 114 3.31 5.96 -4.60
CA VAL A 114 4.58 6.60 -4.31
C VAL A 114 5.55 5.52 -3.84
N LEU A 115 6.72 5.47 -4.46
CA LEU A 115 7.79 4.60 -3.98
C LEU A 115 8.78 5.42 -3.16
N ALA A 116 8.60 5.40 -1.84
CA ALA A 116 9.42 6.20 -0.94
C ALA A 116 10.84 5.61 -0.99
N CYS A 117 11.84 6.46 -1.28
CA CYS A 117 13.22 6.03 -1.44
C CYS A 117 14.18 6.86 -0.59
N TYR A 118 15.28 6.24 -0.16
CA TYR A 118 16.35 6.93 0.55
C TYR A 118 17.72 6.50 0.00
N ASN A 119 18.54 7.46 -0.40
CA ASN A 119 19.84 7.15 -0.97
C ASN A 119 19.73 6.15 -2.12
N GLY A 120 18.70 6.32 -2.93
CA GLY A 120 18.56 5.53 -4.14
C GLY A 120 18.04 4.14 -3.86
N SER A 121 17.60 3.91 -2.63
CA SER A 121 17.06 2.60 -2.27
C SER A 121 15.62 2.71 -1.81
N PRO A 122 14.78 1.76 -2.24
CA PRO A 122 13.35 1.72 -1.92
C PRO A 122 13.09 1.33 -0.47
N SER A 123 12.19 2.07 0.16
CA SER A 123 11.76 1.83 1.52
C SER A 123 10.41 1.10 1.56
N GLY A 124 9.45 1.59 0.78
CA GLY A 124 8.10 1.07 0.80
C GLY A 124 7.26 1.70 -0.29
N VAL A 125 6.05 1.19 -0.52
CA VAL A 125 5.19 1.78 -1.51
C VAL A 125 3.84 2.02 -0.86
N TYR A 126 3.23 3.16 -1.19
CA TYR A 126 1.90 3.44 -0.66
C TYR A 126 1.08 4.22 -1.67
N GLN A 127 -0.24 4.23 -1.49
CA GLN A 127 -1.11 4.87 -2.44
C GLN A 127 -1.61 6.17 -1.85
N CYS A 128 -1.72 7.22 -2.66
CA CYS A 128 -2.31 8.44 -2.15
C CYS A 128 -3.01 9.22 -3.25
N ALA A 129 -3.63 10.33 -2.85
CA ALA A 129 -4.29 11.23 -3.78
C ALA A 129 -3.66 12.63 -3.74
N MET A 130 -3.60 13.27 -4.90
CA MET A 130 -3.32 14.70 -4.99
C MET A 130 -4.50 15.41 -4.34
N ARG A 131 -4.25 16.12 -3.24
CA ARG A 131 -5.31 16.89 -2.59
C ARG A 131 -5.81 17.99 -3.52
N PRO A 132 -7.07 18.44 -3.31
CA PRO A 132 -7.52 19.59 -4.09
C PRO A 132 -6.55 20.77 -3.98
N ASN A 133 -5.87 20.91 -2.84
CA ASN A 133 -4.98 22.06 -2.65
C ASN A 133 -3.59 21.80 -3.19
N HIS A 134 -3.46 20.73 -3.98
CA HIS A 134 -2.21 20.39 -4.65
C HIS A 134 -1.15 19.76 -3.77
N THR A 135 -1.41 19.59 -2.47
CA THR A 135 -0.45 18.87 -1.64
C THR A 135 -0.75 17.37 -1.56
N ILE A 136 0.19 16.61 -1.03
CA ILE A 136 -0.01 15.19 -0.81
C ILE A 136 0.24 14.90 0.66
N LYS A 137 -0.59 14.06 1.27
CA LYS A 137 -0.34 13.67 2.65
C LYS A 137 0.59 12.48 2.65
N GLY A 138 1.87 12.72 2.41
CA GLY A 138 2.80 11.63 2.18
C GLY A 138 3.47 11.12 3.44
N SER A 139 4.39 10.19 3.27
CA SER A 139 5.15 9.62 4.38
C SER A 139 6.62 9.67 4.01
N PHE A 140 7.23 10.86 4.19
CA PHE A 140 8.60 11.11 3.74
C PHE A 140 9.49 11.62 4.87
N LEU A 141 10.77 11.30 4.77
CA LEU A 141 11.76 11.77 5.74
C LEU A 141 12.86 12.54 5.02
N ASN A 142 13.87 12.97 5.75
CA ASN A 142 14.95 13.73 5.17
C ASN A 142 15.70 12.82 4.19
N GLY A 143 15.84 13.27 2.94
CA GLY A 143 16.54 12.48 1.93
C GLY A 143 15.58 11.72 1.04
N SER A 144 14.28 11.94 1.20
CA SER A 144 13.27 11.23 0.40
C SER A 144 13.06 11.93 -0.95
N CYS A 145 13.56 13.15 -1.06
CA CYS A 145 13.40 13.95 -2.30
C CYS A 145 13.87 13.15 -3.48
N GLY A 146 13.21 13.31 -4.62
CA GLY A 146 13.53 12.54 -5.80
C GLY A 146 12.71 11.26 -5.93
N SER A 147 12.08 10.84 -4.84
CA SER A 147 11.13 9.73 -4.89
C SER A 147 10.01 10.15 -5.82
N VAL A 148 9.41 9.19 -6.52
CA VAL A 148 8.42 9.52 -7.55
C VAL A 148 7.05 8.84 -7.33
N GLY A 149 6.00 9.45 -7.89
CA GLY A 149 4.66 8.91 -7.88
C GLY A 149 4.26 8.48 -9.29
N PHE A 150 3.40 7.48 -9.40
CA PHE A 150 3.16 6.90 -10.70
C PHE A 150 1.91 6.07 -10.70
N ASN A 151 1.37 5.88 -11.89
CA ASN A 151 0.32 4.91 -12.11
C ASN A 151 0.83 3.94 -13.15
N ILE A 152 0.25 2.75 -13.20
CA ILE A 152 0.62 1.79 -14.23
C ILE A 152 -0.58 1.33 -15.03
N ASP A 153 -0.42 1.34 -16.35
CA ASP A 153 -1.40 0.78 -17.24
C ASP A 153 -0.72 -0.26 -18.11
N TYR A 154 -1.01 -1.53 -17.84
CA TYR A 154 -0.41 -2.65 -18.55
C TYR A 154 1.07 -2.76 -18.27
N ASP A 155 1.88 -2.54 -19.30
CA ASP A 155 3.32 -2.56 -19.17
C ASP A 155 3.85 -1.13 -19.19
N CYS A 156 2.95 -0.15 -19.12
CA CYS A 156 3.37 1.25 -19.25
C CYS A 156 3.27 2.05 -17.95
N VAL A 157 4.42 2.55 -17.50
CA VAL A 157 4.48 3.38 -16.32
C VAL A 157 4.24 4.85 -16.64
N SER A 158 3.20 5.43 -16.04
CA SER A 158 2.94 6.86 -16.16
C SER A 158 3.42 7.60 -14.94
N PHE A 159 4.56 8.29 -15.05
CA PHE A 159 5.09 9.07 -13.94
C PHE A 159 4.40 10.42 -13.86
N CYS A 160 3.95 10.78 -12.66
CA CYS A 160 3.20 12.02 -12.46
C CYS A 160 3.77 12.89 -11.34
N TYR A 161 4.71 12.36 -10.55
CA TYR A 161 5.17 13.08 -9.38
C TYR A 161 6.62 12.84 -9.02
N MET A 162 7.30 13.91 -8.62
CA MET A 162 8.58 13.78 -7.97
C MET A 162 8.59 14.65 -6.74
N HIS A 163 9.01 14.11 -5.61
CA HIS A 163 8.90 14.80 -4.33
C HIS A 163 9.98 15.85 -4.19
N HIS A 164 9.60 17.04 -3.72
CA HIS A 164 10.57 18.11 -3.53
C HIS A 164 10.68 18.60 -2.07
N MET A 165 9.58 18.69 -1.35
CA MET A 165 9.67 19.22 0.01
C MET A 165 8.47 18.99 0.92
N GLU A 166 8.65 19.42 2.18
CA GLU A 166 7.60 19.30 3.18
C GLU A 166 7.16 20.70 3.62
N LEU A 167 5.84 20.88 3.74
CA LEU A 167 5.26 22.13 4.21
C LEU A 167 4.99 22.06 5.71
N PRO A 168 4.85 23.23 6.37
CA PRO A 168 4.65 23.39 7.81
C PRO A 168 3.57 22.53 8.48
N THR A 169 2.54 22.11 7.74
CA THR A 169 1.53 21.21 8.31
C THR A 169 1.87 19.74 8.01
N GLY A 170 3.15 19.51 7.69
CA GLY A 170 3.67 18.17 7.43
C GLY A 170 3.13 17.42 6.23
N VAL A 171 2.54 18.14 5.28
CA VAL A 171 2.13 17.54 4.01
C VAL A 171 3.21 17.84 2.99
N HIS A 172 3.10 17.22 1.84
CA HIS A 172 4.21 17.23 0.90
C HIS A 172 3.91 17.86 -0.46
N ALA A 173 4.95 18.43 -1.05
CA ALA A 173 4.80 19.15 -2.30
C ALA A 173 5.88 18.74 -3.32
N GLY A 174 5.56 18.85 -4.60
CA GLY A 174 6.45 18.38 -5.64
C GLY A 174 6.00 18.77 -7.03
N THR A 175 6.64 18.16 -8.03
CA THR A 175 6.43 18.56 -9.41
C THR A 175 6.01 17.37 -10.24
N ASP A 176 5.55 17.65 -11.46
CA ASP A 176 5.44 16.62 -12.48
C ASP A 176 6.85 16.31 -12.98
N LEU A 177 6.98 15.40 -13.95
CA LEU A 177 8.31 15.04 -14.45
C LEU A 177 8.82 15.97 -15.56
N GLU A 178 8.13 17.09 -15.77
CA GLU A 178 8.67 18.19 -16.57
C GLU A 178 9.25 19.25 -15.64
N GLY A 179 9.06 19.05 -14.34
CA GLY A 179 9.66 19.94 -13.36
C GLY A 179 8.74 21.07 -12.91
N LYS A 180 7.48 21.03 -13.32
CA LYS A 180 6.53 22.07 -12.93
C LYS A 180 5.82 21.69 -11.65
N PHE A 181 5.87 22.57 -10.65
CA PHE A 181 5.26 22.30 -9.34
C PHE A 181 3.75 22.13 -9.46
N TYR A 182 3.22 21.24 -8.64
CA TYR A 182 1.80 21.19 -8.45
C TYR A 182 1.51 22.22 -7.39
N GLY A 183 0.57 23.11 -7.64
CA GLY A 183 0.28 24.14 -6.67
C GLY A 183 1.17 25.36 -6.89
N PRO A 184 1.11 26.31 -5.96
CA PRO A 184 1.75 27.63 -5.96
C PRO A 184 3.17 27.60 -5.36
N PHE A 185 3.67 26.43 -5.01
CA PHE A 185 4.90 26.35 -4.24
C PHE A 185 6.18 26.56 -5.06
N VAL A 186 7.26 26.93 -4.39
CA VAL A 186 8.54 27.13 -5.05
C VAL A 186 9.63 26.44 -4.27
N ASP A 187 10.66 25.96 -4.97
CA ASP A 187 11.71 25.19 -4.32
C ASP A 187 12.75 26.06 -3.59
N ARG A 188 12.37 26.55 -2.41
CA ARG A 188 13.21 27.36 -1.54
C ARG A 188 12.60 27.43 -0.15
N GLN A 189 13.46 27.46 0.86
CA GLN A 189 13.00 27.33 2.25
C GLN A 189 12.33 28.57 2.82
N THR A 190 11.53 29.24 2.01
CA THR A 190 10.75 30.38 2.46
C THR A 190 9.47 29.91 3.17
N ALA A 191 8.87 30.79 3.97
CA ALA A 191 7.56 30.50 4.55
C ALA A 191 6.54 30.23 3.46
N GLN A 192 6.13 28.97 3.36
CA GLN A 192 5.08 28.57 2.46
C GLN A 192 4.09 27.73 3.24
N ALA A 193 2.81 27.84 2.91
CA ALA A 193 1.79 27.07 3.59
C ALA A 193 0.80 26.53 2.58
N ALA A 194 0.32 25.31 2.84
CA ALA A 194 -0.71 24.75 1.98
C ALA A 194 -1.95 25.62 2.10
N GLY A 195 -2.69 25.75 1.02
CA GLY A 195 -3.93 26.51 1.05
C GLY A 195 -5.07 25.65 1.57
N THR A 196 -6.26 26.24 1.64
CA THR A 196 -7.42 25.52 2.15
C THR A 196 -7.52 24.22 1.39
N ASP A 197 -7.98 23.16 2.05
CA ASP A 197 -8.25 21.92 1.35
C ASP A 197 -9.72 21.56 1.43
N THR A 198 -10.16 20.64 0.58
CA THR A 198 -11.54 20.26 0.52
C THR A 198 -11.62 18.74 0.41
N THR A 199 -12.78 18.16 0.72
CA THR A 199 -12.95 16.72 0.57
C THR A 199 -13.26 16.44 -0.89
N ILE A 200 -12.64 15.42 -1.45
CA ILE A 200 -12.84 15.10 -2.86
C ILE A 200 -14.17 14.36 -3.00
N THR A 201 -15.22 15.12 -3.23
CA THR A 201 -16.58 14.60 -3.29
C THR A 201 -16.73 13.41 -4.23
N LEU A 202 -16.18 13.52 -5.43
CA LEU A 202 -16.34 12.46 -6.42
C LEU A 202 -15.83 11.13 -5.88
N ASN A 203 -14.71 11.18 -5.16
CA ASN A 203 -14.10 9.99 -4.59
C ASN A 203 -14.91 9.40 -3.43
N VAL A 204 -15.45 10.27 -2.57
CA VAL A 204 -16.30 9.81 -1.47
C VAL A 204 -17.47 9.01 -2.04
N LEU A 205 -18.09 9.51 -3.11
CA LEU A 205 -19.23 8.83 -3.75
C LEU A 205 -18.80 7.47 -4.34
N ALA A 206 -17.65 7.45 -4.99
CA ALA A 206 -17.11 6.21 -5.55
C ALA A 206 -16.92 5.18 -4.45
N TRP A 207 -16.41 5.63 -3.31
CA TRP A 207 -16.12 4.74 -2.19
C TRP A 207 -17.43 4.26 -1.54
N LEU A 208 -18.47 5.05 -1.66
CA LEU A 208 -19.79 4.59 -1.22
C LEU A 208 -20.29 3.49 -2.16
N TYR A 209 -20.04 3.64 -3.46
CA TYR A 209 -20.42 2.62 -4.43
C TYR A 209 -19.62 1.34 -4.21
N ALA A 210 -18.34 1.48 -3.93
CA ALA A 210 -17.50 0.33 -3.64
C ALA A 210 -18.22 -0.48 -2.57
N ALA A 211 -18.49 0.19 -1.47
CA ALA A 211 -19.17 -0.41 -0.33
C ALA A 211 -20.48 -1.13 -0.67
N VAL A 212 -21.29 -0.56 -1.57
CA VAL A 212 -22.51 -1.24 -1.99
C VAL A 212 -22.13 -2.51 -2.74
N ILE A 213 -21.14 -2.40 -3.63
CA ILE A 213 -20.68 -3.57 -4.35
C ILE A 213 -20.25 -4.66 -3.36
N ASN A 214 -19.96 -4.26 -2.12
CA ASN A 214 -19.47 -5.22 -1.12
C ASN A 214 -20.43 -5.44 0.05
N GLY A 215 -21.73 -5.34 -0.19
CA GLY A 215 -22.75 -5.63 0.82
C GLY A 215 -22.83 -4.70 2.01
N ASP A 216 -22.37 -3.48 1.84
CA ASP A 216 -22.48 -2.52 2.93
C ASP A 216 -23.54 -1.51 2.49
N ARG A 217 -24.82 -1.88 2.66
CA ARG A 217 -25.92 -1.06 2.13
C ARG A 217 -26.65 -0.18 3.15
N TRP A 218 -26.19 -0.17 4.40
CA TRP A 218 -26.96 0.45 5.49
C TRP A 218 -27.24 1.96 5.39
N PHE A 219 -26.34 2.71 4.75
CA PHE A 219 -26.44 4.18 4.67
C PHE A 219 -27.46 4.66 3.63
N LEU A 220 -27.93 3.77 2.78
CA LEU A 220 -28.87 4.17 1.72
C LEU A 220 -30.22 4.66 2.26
N ASN A 221 -30.90 5.49 1.48
CA ASN A 221 -32.20 5.98 1.88
C ASN A 221 -33.16 6.08 0.69
N ARG A 222 -34.42 6.40 0.96
CA ARG A 222 -35.50 6.37 -0.03
C ARG A 222 -35.48 7.61 -0.92
N PHE A 223 -34.65 8.56 -0.51
CA PHE A 223 -34.63 9.85 -1.15
C PHE A 223 -33.69 10.01 -2.34
N THR A 224 -34.02 10.98 -3.17
CA THR A 224 -33.08 11.53 -4.14
C THR A 224 -32.91 13.03 -3.95
N THR A 225 -31.96 13.62 -4.65
CA THR A 225 -31.73 15.04 -4.47
C THR A 225 -31.53 15.63 -5.85
N THR A 226 -31.45 16.95 -5.95
CA THR A 226 -30.99 17.58 -7.16
C THR A 226 -29.52 17.91 -6.95
N LEU A 227 -28.81 18.13 -8.05
CA LEU A 227 -27.40 18.43 -8.00
C LEU A 227 -27.20 19.67 -7.13
N ASN A 228 -28.02 20.69 -7.38
CA ASN A 228 -27.94 21.94 -6.64
C ASN A 228 -28.14 21.77 -5.13
N ASP A 229 -29.20 21.08 -4.74
CA ASP A 229 -29.46 20.90 -3.32
C ASP A 229 -28.38 20.06 -2.65
N PHE A 230 -27.81 19.11 -3.38
CA PHE A 230 -26.67 18.38 -2.83
C PHE A 230 -25.52 19.34 -2.53
N ASN A 231 -25.18 20.20 -3.49
CA ASN A 231 -24.06 21.13 -3.32
C ASN A 231 -24.26 22.15 -2.22
N LEU A 232 -25.49 22.63 -2.06
CA LEU A 232 -25.79 23.56 -0.98
C LEU A 232 -25.49 22.91 0.37
N VAL A 233 -25.69 21.61 0.46
CA VAL A 233 -25.38 20.88 1.68
C VAL A 233 -23.89 20.57 1.83
N ALA A 234 -23.37 19.77 0.90
CA ALA A 234 -22.01 19.26 0.99
C ALA A 234 -21.02 20.40 1.23
N MET A 235 -21.29 21.54 0.62
CA MET A 235 -20.37 22.65 0.71
C MET A 235 -20.31 23.27 2.11
N LYS A 236 -21.38 23.11 2.89
CA LYS A 236 -21.35 23.54 4.27
C LYS A 236 -20.30 22.74 4.99
N TYR A 237 -19.91 21.63 4.35
CA TYR A 237 -19.10 20.61 5.01
C TYR A 237 -17.70 20.45 4.44
N ASN A 238 -17.22 21.47 3.72
CA ASN A 238 -15.85 21.44 3.20
C ASN A 238 -15.67 20.47 2.04
N TYR A 239 -16.78 20.10 1.41
CA TYR A 239 -16.77 19.23 0.25
C TYR A 239 -16.67 20.04 -1.04
N GLU A 240 -15.89 19.53 -1.98
CA GLU A 240 -15.83 20.10 -3.33
CA GLU A 240 -15.83 20.12 -3.31
C GLU A 240 -17.20 20.12 -3.97
N PRO A 241 -17.52 21.20 -4.67
CA PRO A 241 -18.79 21.23 -5.41
C PRO A 241 -18.81 20.09 -6.43
N LEU A 242 -19.97 19.46 -6.59
CA LEU A 242 -20.11 18.35 -7.50
C LEU A 242 -20.70 18.82 -8.83
N THR A 243 -20.12 18.40 -9.95
CA THR A 243 -20.59 18.84 -11.27
C THR A 243 -21.25 17.70 -12.04
N GLN A 244 -21.92 18.05 -13.13
CA GLN A 244 -22.54 17.03 -13.98
C GLN A 244 -21.51 16.09 -14.61
N ASP A 245 -20.35 16.64 -14.96
CA ASP A 245 -19.22 15.81 -15.41
C ASP A 245 -18.92 14.69 -14.41
N HIS A 246 -18.87 15.05 -13.13
CA HIS A 246 -18.57 14.09 -12.06
C HIS A 246 -19.69 13.05 -11.94
N VAL A 247 -20.92 13.51 -12.12
CA VAL A 247 -22.05 12.59 -12.19
C VAL A 247 -21.88 11.53 -13.29
N ASP A 248 -21.55 11.97 -14.51
CA ASP A 248 -21.38 11.08 -15.64
C ASP A 248 -20.32 10.02 -15.36
N ILE A 249 -19.23 10.46 -14.72
CA ILE A 249 -18.11 9.58 -14.45
C ILE A 249 -18.57 8.40 -13.62
N LEU A 250 -19.54 8.66 -12.74
CA LEU A 250 -20.04 7.66 -11.82
C LEU A 250 -21.05 6.71 -12.47
N GLY A 251 -21.35 6.95 -13.74
CA GLY A 251 -22.30 6.14 -14.48
C GLY A 251 -22.08 4.64 -14.47
N PRO A 252 -20.85 4.19 -14.80
CA PRO A 252 -20.51 2.77 -14.69
C PRO A 252 -20.92 2.19 -13.34
N LEU A 253 -20.48 2.83 -12.26
CA LEU A 253 -20.76 2.33 -10.92
C LEU A 253 -22.23 2.43 -10.53
N SER A 254 -22.94 3.39 -11.12
CA SER A 254 -24.37 3.53 -10.86
C SER A 254 -25.12 2.38 -11.50
N ALA A 255 -24.67 1.98 -12.68
CA ALA A 255 -25.31 0.91 -13.43
C ALA A 255 -25.10 -0.44 -12.75
N GLN A 256 -23.84 -0.74 -12.49
CA GLN A 256 -23.46 -1.98 -11.80
C GLN A 256 -24.25 -2.19 -10.51
N THR A 257 -24.58 -1.10 -9.82
CA THR A 257 -25.31 -1.14 -8.56
C THR A 257 -26.80 -0.75 -8.68
N GLY A 258 -27.23 -0.34 -9.86
CA GLY A 258 -28.60 0.12 -10.05
C GLY A 258 -29.01 1.18 -9.03
N ILE A 259 -28.05 1.97 -8.56
CA ILE A 259 -28.37 3.05 -7.62
C ILE A 259 -28.08 4.37 -8.29
N ALA A 260 -29.12 5.20 -8.42
CA ALA A 260 -28.98 6.47 -9.11
C ALA A 260 -27.89 7.30 -8.43
N VAL A 261 -27.14 8.05 -9.22
CA VAL A 261 -26.08 8.89 -8.67
C VAL A 261 -26.68 9.89 -7.68
N LEU A 262 -27.76 10.58 -8.10
CA LEU A 262 -28.41 11.55 -7.22
C LEU A 262 -28.99 10.90 -5.98
N ASP A 263 -29.21 9.59 -6.06
CA ASP A 263 -29.70 8.83 -4.93
C ASP A 263 -28.55 8.58 -3.97
N MET A 264 -27.42 8.16 -4.53
CA MET A 264 -26.23 8.03 -3.70
C MET A 264 -25.90 9.38 -3.06
N CYS A 265 -26.08 10.45 -3.83
CA CYS A 265 -25.90 11.81 -3.33
C CYS A 265 -26.82 12.10 -2.15
N ALA A 266 -28.08 11.71 -2.27
CA ALA A 266 -28.99 11.86 -1.12
C ALA A 266 -28.46 11.12 0.12
N ALA A 267 -27.88 9.94 -0.10
CA ALA A 267 -27.35 9.12 0.98
C ALA A 267 -26.19 9.86 1.64
N LEU A 268 -25.33 10.43 0.78
CA LEU A 268 -24.19 11.22 1.22
C LEU A 268 -24.62 12.42 2.07
N LYS A 269 -25.67 13.11 1.63
CA LYS A 269 -26.24 14.22 2.39
C LYS A 269 -26.64 13.76 3.79
N GLU A 270 -27.38 12.66 3.87
CA GLU A 270 -27.79 12.10 5.16
C GLU A 270 -26.57 11.91 6.07
N LEU A 271 -25.58 11.16 5.56
CA LEU A 271 -24.39 10.81 6.35
C LEU A 271 -23.64 12.04 6.86
N LEU A 272 -23.57 13.07 6.03
CA LEU A 272 -22.93 14.31 6.44
C LEU A 272 -23.79 15.01 7.49
N GLN A 273 -25.10 15.04 7.27
CA GLN A 273 -25.99 15.71 8.23
C GLN A 273 -26.14 14.93 9.54
N ASN A 274 -26.31 13.61 9.43
CA ASN A 274 -26.64 12.81 10.60
C ASN A 274 -25.46 12.07 11.23
N GLY A 275 -24.34 11.94 10.52
CA GLY A 275 -23.21 11.16 11.00
C GLY A 275 -23.42 9.67 10.81
N MET A 276 -22.47 8.83 11.26
CA MET A 276 -22.54 7.39 11.00
C MET A 276 -23.24 6.56 12.09
N ASN A 277 -23.38 7.14 13.28
CA ASN A 277 -23.97 6.45 14.41
C ASN A 277 -23.17 5.21 14.77
N GLY A 278 -21.91 5.44 15.07
CA GLY A 278 -20.99 4.38 15.46
C GLY A 278 -20.72 3.40 14.33
N ARG A 279 -21.61 3.38 13.35
CA ARG A 279 -21.55 2.48 12.19
C ARG A 279 -20.27 2.63 11.36
N THR A 280 -19.99 1.66 10.50
CA THR A 280 -18.84 1.79 9.62
C THR A 280 -19.16 1.39 8.19
N ILE A 281 -18.41 1.96 7.26
CA ILE A 281 -18.52 1.60 5.86
C ILE A 281 -17.17 1.05 5.44
N LEU A 282 -17.18 -0.04 4.69
CA LEU A 282 -15.95 -0.70 4.27
C LEU A 282 -14.82 -0.60 5.30
N GLY A 283 -15.17 -0.82 6.58
CA GLY A 283 -14.21 -0.83 7.66
C GLY A 283 -13.98 0.52 8.29
N SER A 284 -14.30 1.58 7.57
CA SER A 284 -13.95 2.88 8.09
C SER A 284 -15.09 3.55 8.86
N THR A 285 -14.74 4.45 9.77
CA THR A 285 -15.74 5.16 10.53
C THR A 285 -15.82 6.61 10.06
N ILE A 286 -14.99 6.94 9.08
CA ILE A 286 -15.05 8.21 8.39
C ILE A 286 -15.26 7.96 6.90
N LEU A 287 -15.77 8.96 6.19
CA LEU A 287 -15.86 8.89 4.75
C LEU A 287 -14.48 9.09 4.11
N GLU A 288 -14.10 8.13 3.26
CA GLU A 288 -12.80 8.11 2.58
C GLU A 288 -12.88 8.78 1.21
N ASP A 289 -11.85 9.56 0.89
CA ASP A 289 -11.87 10.26 -0.38
C ASP A 289 -10.64 10.07 -1.29
N GLU A 290 -9.81 9.06 -1.00
CA GLU A 290 -8.63 8.82 -1.83
C GLU A 290 -8.80 7.59 -2.72
N PHE A 291 -10.04 7.31 -3.08
CA PHE A 291 -10.32 6.32 -4.11
C PHE A 291 -11.11 6.99 -5.23
N THR A 292 -10.53 7.03 -6.41
CA THR A 292 -11.24 7.53 -7.58
C THR A 292 -12.25 6.48 -8.01
N PRO A 293 -13.25 6.90 -8.81
CA PRO A 293 -14.12 5.96 -9.50
C PRO A 293 -13.32 4.89 -10.24
N PHE A 294 -12.24 5.28 -10.93
CA PHE A 294 -11.42 4.30 -11.62
C PHE A 294 -10.83 3.26 -10.66
N ASP A 295 -10.41 3.71 -9.48
CA ASP A 295 -9.80 2.83 -8.49
C ASP A 295 -10.81 1.79 -8.02
N VAL A 296 -12.04 2.26 -7.82
CA VAL A 296 -13.12 1.39 -7.36
C VAL A 296 -13.43 0.32 -8.42
N VAL A 297 -13.62 0.76 -9.66
CA VAL A 297 -13.92 -0.12 -10.78
C VAL A 297 -12.85 -1.20 -10.93
N ARG A 298 -11.59 -0.78 -10.92
CA ARG A 298 -10.52 -1.75 -11.11
C ARG A 298 -10.46 -2.73 -9.96
N GLN A 299 -10.65 -2.23 -8.74
CA GLN A 299 -10.53 -3.07 -7.56
C GLN A 299 -11.76 -3.93 -7.28
N CYS A 300 -12.96 -3.43 -7.55
CA CYS A 300 -14.17 -4.17 -7.19
C CYS A 300 -14.64 -5.15 -8.25
N SER A 301 -14.65 -4.69 -9.50
CA SER A 301 -14.98 -5.55 -10.64
C SER A 301 -16.18 -6.46 -10.37
N SER B 1 8.09 13.76 7.95
CA SER B 1 7.00 13.50 8.89
C SER B 1 5.91 12.77 8.14
N GLY B 2 4.83 12.48 8.85
CA GLY B 2 3.70 11.79 8.27
C GLY B 2 3.82 10.29 8.50
N PHE B 3 2.69 9.63 8.69
CA PHE B 3 2.67 8.17 8.84
C PHE B 3 1.63 7.57 7.91
N ARG B 4 2.12 6.73 6.99
CA ARG B 4 1.29 5.93 6.13
C ARG B 4 1.51 4.47 6.51
N LYS B 5 0.48 3.66 6.30
CA LYS B 5 0.66 2.22 6.25
C LYS B 5 1.38 1.99 4.93
N MET B 6 2.47 1.23 4.95
CA MET B 6 3.21 1.02 3.72
C MET B 6 3.47 -0.45 3.43
N ALA B 7 3.39 -0.83 2.16
CA ALA B 7 3.85 -2.15 1.75
C ALA B 7 5.32 -2.13 1.39
N PHE B 8 5.90 -3.32 1.34
CA PHE B 8 7.26 -3.48 0.85
C PHE B 8 7.28 -3.29 -0.65
N PRO B 9 8.40 -2.75 -1.16
CA PRO B 9 8.57 -2.72 -2.61
C PRO B 9 8.37 -4.13 -3.14
N SER B 10 7.65 -4.26 -4.23
CA SER B 10 7.16 -5.58 -4.64
C SER B 10 7.96 -6.24 -5.77
N GLY B 11 8.97 -5.56 -6.30
CA GLY B 11 9.69 -6.05 -7.46
C GLY B 11 10.23 -7.46 -7.33
N LYS B 12 10.83 -7.75 -6.19
CA LYS B 12 11.47 -9.05 -5.95
C LYS B 12 10.45 -10.20 -6.07
N VAL B 13 9.21 -9.93 -5.68
CA VAL B 13 8.19 -10.97 -5.76
C VAL B 13 7.51 -10.99 -7.13
N GLU B 14 7.36 -9.81 -7.72
CA GLU B 14 6.79 -9.67 -9.06
C GLU B 14 7.50 -10.59 -10.06
N GLY B 15 8.83 -10.66 -9.96
CA GLY B 15 9.63 -11.48 -10.85
C GLY B 15 9.43 -12.97 -10.67
N CYS B 16 8.72 -13.34 -9.60
CA CYS B 16 8.44 -14.74 -9.27
C CYS B 16 7.03 -15.20 -9.65
N MET B 17 6.18 -14.27 -10.07
CA MET B 17 4.78 -14.63 -10.35
C MET B 17 4.57 -15.25 -11.73
N VAL B 18 3.87 -16.38 -11.77
CA VAL B 18 3.57 -17.04 -13.03
C VAL B 18 2.10 -17.44 -13.10
N GLN B 19 1.69 -17.93 -14.27
CA GLN B 19 0.31 -18.34 -14.49
C GLN B 19 0.27 -19.87 -14.57
N VAL B 20 -0.61 -20.49 -13.79
CA VAL B 20 -0.79 -21.94 -13.87
C VAL B 20 -2.21 -22.29 -14.31
N THR B 21 -2.31 -23.23 -15.25
CA THR B 21 -3.59 -23.56 -15.85
C THR B 21 -3.73 -25.05 -16.01
N CYS B 22 -4.82 -25.58 -15.46
CA CYS B 22 -5.24 -26.97 -15.66
C CYS B 22 -6.64 -26.97 -16.27
N GLY B 23 -6.74 -27.23 -17.57
CA GLY B 23 -8.00 -27.14 -18.27
C GLY B 23 -8.63 -25.77 -18.15
N THR B 24 -9.80 -25.68 -17.55
CA THR B 24 -10.52 -24.41 -17.48
C THR B 24 -10.07 -23.52 -16.33
N THR B 25 -9.27 -24.10 -15.44
CA THR B 25 -8.86 -23.42 -14.21
C THR B 25 -7.51 -22.76 -14.36
N THR B 26 -7.47 -21.45 -14.15
CA THR B 26 -6.23 -20.70 -14.09
C THR B 26 -6.10 -19.95 -12.77
N LEU B 27 -4.89 -19.91 -12.22
CA LEU B 27 -4.64 -19.08 -11.04
C LEU B 27 -3.14 -18.80 -11.00
N ASN B 28 -2.64 -18.25 -9.90
CA ASN B 28 -1.25 -17.82 -9.86
C ASN B 28 -0.31 -18.84 -9.22
N GLY B 29 0.95 -18.79 -9.65
CA GLY B 29 1.97 -19.64 -9.07
C GLY B 29 3.19 -18.81 -8.74
N LEU B 30 4.01 -19.32 -7.83
CA LEU B 30 5.21 -18.63 -7.40
C LEU B 30 6.38 -19.46 -7.88
N TRP B 31 7.23 -18.86 -8.71
CA TRP B 31 8.32 -19.55 -9.36
C TRP B 31 9.64 -19.17 -8.69
N LEU B 32 10.23 -20.11 -7.97
CA LEU B 32 11.48 -19.90 -7.27
C LEU B 32 12.42 -20.98 -7.75
N ASP B 33 13.61 -20.60 -8.22
CA ASP B 33 14.50 -21.54 -8.89
C ASP B 33 13.75 -22.43 -9.88
N ASP B 34 13.81 -23.74 -9.74
CA ASP B 34 13.12 -24.57 -10.72
C ASP B 34 11.86 -25.23 -10.18
N THR B 35 11.16 -24.52 -9.31
CA THR B 35 9.92 -25.03 -8.73
C THR B 35 8.87 -23.95 -8.82
N VAL B 36 7.65 -24.33 -9.19
CA VAL B 36 6.49 -23.45 -9.13
C VAL B 36 5.53 -23.95 -8.07
N TYR B 37 5.20 -23.09 -7.13
CA TYR B 37 4.29 -23.44 -6.05
C TYR B 37 2.94 -22.82 -6.36
N CYS B 38 1.87 -23.58 -6.12
CA CYS B 38 0.52 -23.07 -6.32
C CYS B 38 -0.53 -23.85 -5.50
N PRO B 39 -1.71 -23.25 -5.27
CA PRO B 39 -2.77 -23.96 -4.54
C PRO B 39 -3.16 -25.24 -5.27
N ARG B 40 -3.21 -26.36 -4.54
CA ARG B 40 -3.45 -27.62 -5.21
C ARG B 40 -4.82 -27.68 -5.90
N HIS B 41 -5.77 -26.86 -5.46
CA HIS B 41 -7.13 -26.93 -6.02
C HIS B 41 -7.16 -26.41 -7.45
N VAL B 42 -5.98 -26.16 -7.99
CA VAL B 42 -5.84 -25.83 -9.40
C VAL B 42 -6.18 -27.02 -10.30
N ILE B 43 -5.98 -28.23 -9.79
CA ILE B 43 -6.32 -29.45 -10.53
C ILE B 43 -7.79 -29.78 -10.50
N CYS B 44 -8.60 -28.81 -10.08
CA CYS B 44 -10.04 -29.00 -10.04
C CYS B 44 -10.73 -28.54 -11.31
N THR B 45 -12.05 -28.66 -11.31
CA THR B 45 -12.92 -27.98 -12.25
C THR B 45 -14.13 -27.60 -11.40
N ALA B 46 -15.11 -26.89 -11.95
CA ALA B 46 -16.17 -26.30 -11.12
C ALA B 46 -17.03 -27.23 -10.24
N GLU B 47 -16.72 -28.52 -10.24
CA GLU B 47 -17.44 -29.50 -9.41
C GLU B 47 -16.55 -30.17 -8.38
N ASP B 48 -15.33 -30.51 -8.81
CA ASP B 48 -14.35 -31.17 -7.96
C ASP B 48 -14.12 -30.35 -6.71
N MET B 49 -14.78 -29.19 -6.64
CA MET B 49 -14.60 -28.25 -5.54
C MET B 49 -15.23 -28.72 -4.23
N LEU B 50 -16.48 -29.19 -4.29
CA LEU B 50 -17.24 -29.61 -3.10
C LEU B 50 -16.44 -30.52 -2.15
N ASN B 51 -15.96 -31.64 -2.69
CA ASN B 51 -15.07 -32.52 -1.93
C ASN B 51 -14.12 -33.28 -2.84
N PRO B 52 -12.94 -32.71 -3.09
CA PRO B 52 -11.99 -33.42 -3.93
C PRO B 52 -11.18 -34.46 -3.15
N ASN B 53 -10.81 -35.54 -3.85
CA ASN B 53 -9.83 -36.45 -3.32
C ASN B 53 -8.55 -36.09 -4.02
N TYR B 54 -7.79 -35.20 -3.39
CA TYR B 54 -6.62 -34.62 -4.04
C TYR B 54 -5.59 -35.68 -4.42
N GLU B 55 -5.33 -36.57 -3.47
CA GLU B 55 -4.36 -37.63 -3.69
C GLU B 55 -4.75 -38.40 -4.93
N ASP B 56 -6.05 -38.54 -5.13
CA ASP B 56 -6.55 -39.34 -6.24
C ASP B 56 -6.68 -38.57 -7.55
N LEU B 57 -7.04 -37.30 -7.47
CA LEU B 57 -7.18 -36.50 -8.68
C LEU B 57 -5.79 -36.24 -9.26
N LEU B 58 -4.81 -36.11 -8.38
CA LEU B 58 -3.45 -35.82 -8.83
C LEU B 58 -2.90 -37.00 -9.63
N ILE B 59 -3.38 -38.20 -9.29
CA ILE B 59 -2.95 -39.41 -9.98
C ILE B 59 -3.14 -39.30 -11.49
N ARG B 60 -4.30 -38.81 -11.91
CA ARG B 60 -4.63 -38.73 -13.33
C ARG B 60 -4.06 -37.49 -14.00
N LYS B 61 -3.15 -36.78 -13.33
CA LYS B 61 -2.53 -35.59 -13.90
C LYS B 61 -1.24 -35.93 -14.62
N SER B 62 -1.06 -35.41 -15.82
CA SER B 62 0.21 -35.55 -16.54
C SER B 62 1.01 -34.26 -16.43
N ASN B 63 2.33 -34.34 -16.66
CA ASN B 63 3.10 -33.10 -16.70
C ASN B 63 2.62 -32.13 -17.77
N HIS B 64 2.30 -32.62 -18.96
CA HIS B 64 1.88 -31.77 -20.08
C HIS B 64 0.53 -31.07 -19.84
N SER B 65 -0.20 -31.49 -18.81
CA SER B 65 -1.52 -30.96 -18.55
C SER B 65 -1.42 -29.65 -17.80
N PHE B 66 -0.34 -29.48 -17.06
CA PHE B 66 -0.07 -28.21 -16.40
C PHE B 66 0.50 -27.22 -17.40
N LEU B 67 -0.24 -26.15 -17.66
CA LEU B 67 0.28 -25.09 -18.53
C LEU B 67 0.84 -23.94 -17.71
N VAL B 68 2.16 -23.87 -17.61
CA VAL B 68 2.83 -22.82 -16.85
C VAL B 68 3.37 -21.70 -17.73
N GLN B 69 2.94 -20.46 -17.48
CA GLN B 69 3.35 -19.31 -18.29
C GLN B 69 3.98 -18.20 -17.49
N ALA B 70 5.20 -17.82 -17.87
CA ALA B 70 5.86 -16.67 -17.28
C ALA B 70 5.99 -15.58 -18.36
N GLY B 71 5.24 -14.49 -18.21
CA GLY B 71 5.11 -13.54 -19.30
C GLY B 71 4.70 -14.33 -20.53
N ASN B 72 5.33 -14.03 -21.67
CA ASN B 72 5.02 -14.71 -22.92
C ASN B 72 5.76 -16.03 -23.07
N VAL B 73 6.24 -16.56 -21.95
CA VAL B 73 7.04 -17.77 -21.98
C VAL B 73 6.42 -18.96 -21.24
N GLN B 74 6.07 -19.99 -22.00
CA GLN B 74 5.57 -21.22 -21.40
C GLN B 74 6.72 -22.01 -20.78
N LEU B 75 6.58 -22.42 -19.55
CA LEU B 75 7.62 -23.20 -18.89
C LEU B 75 7.28 -24.68 -18.95
N ARG B 76 8.21 -25.50 -19.43
CA ARG B 76 7.98 -26.94 -19.58
C ARG B 76 8.01 -27.61 -18.23
N VAL B 77 6.88 -28.21 -17.84
CA VAL B 77 6.79 -28.94 -16.57
C VAL B 77 7.39 -30.34 -16.71
N ILE B 78 8.31 -30.67 -15.82
CA ILE B 78 9.03 -31.94 -15.90
C ILE B 78 8.86 -32.75 -14.60
N GLY B 79 8.06 -32.24 -13.68
CA GLY B 79 7.80 -32.96 -12.45
C GLY B 79 6.61 -32.38 -11.72
N HIS B 80 5.97 -33.18 -10.87
CA HIS B 80 4.93 -32.64 -9.99
C HIS B 80 4.72 -33.52 -8.78
N SER B 81 4.42 -32.88 -7.66
CA SER B 81 4.06 -33.56 -6.43
C SER B 81 3.15 -32.66 -5.60
N MET B 82 2.58 -33.20 -4.53
CA MET B 82 1.77 -32.42 -3.61
C MET B 82 2.49 -32.33 -2.27
N GLN B 83 2.37 -31.17 -1.64
CA GLN B 83 2.92 -30.97 -0.31
C GLN B 83 1.85 -30.23 0.48
N ASN B 84 1.15 -30.98 1.33
CA ASN B 84 -0.02 -30.46 2.01
C ASN B 84 -0.99 -29.92 0.98
N CYS B 85 -1.36 -28.65 1.15
CA CYS B 85 -2.32 -28.02 0.23
C CYS B 85 -1.71 -27.31 -1.01
N LEU B 86 -0.41 -27.46 -1.23
CA LEU B 86 0.24 -26.88 -2.40
C LEU B 86 0.59 -27.93 -3.44
N LEU B 87 0.62 -27.51 -4.70
CA LEU B 87 1.26 -28.31 -5.73
C LEU B 87 2.69 -27.85 -5.85
N ARG B 88 3.60 -28.78 -6.10
CA ARG B 88 4.96 -28.41 -6.44
C ARG B 88 5.27 -28.90 -7.86
N LEU B 89 5.40 -27.94 -8.76
CA LEU B 89 5.70 -28.24 -10.16
C LEU B 89 7.17 -27.99 -10.45
N LYS B 90 7.83 -29.00 -11.00
CA LYS B 90 9.20 -28.85 -11.41
C LYS B 90 9.22 -28.43 -12.88
N VAL B 91 10.04 -27.42 -13.20
CA VAL B 91 10.10 -26.89 -14.56
C VAL B 91 11.53 -26.96 -15.05
N ASP B 92 11.72 -26.90 -16.37
CA ASP B 92 13.06 -27.10 -16.94
C ASP B 92 13.97 -25.87 -16.82
N THR B 93 13.43 -24.78 -16.27
CA THR B 93 14.16 -23.52 -16.16
C THR B 93 14.17 -22.93 -14.75
N SER B 94 15.35 -22.62 -14.26
CA SER B 94 15.47 -21.96 -12.97
C SER B 94 15.15 -20.48 -13.15
N ASN B 95 14.34 -19.93 -12.26
CA ASN B 95 13.92 -18.54 -12.42
C ASN B 95 15.11 -17.60 -12.26
N PRO B 96 15.43 -16.85 -13.32
CA PRO B 96 16.60 -15.95 -13.30
C PRO B 96 16.39 -14.75 -12.37
N LYS B 97 15.13 -14.46 -12.03
CA LYS B 97 14.84 -13.37 -11.11
C LYS B 97 14.67 -13.85 -9.67
N THR B 98 14.96 -15.12 -9.43
CA THR B 98 14.89 -15.68 -8.07
C THR B 98 15.69 -14.85 -7.07
N PRO B 99 14.99 -14.27 -6.08
CA PRO B 99 15.65 -13.50 -5.00
C PRO B 99 16.12 -14.41 -3.89
N LYS B 100 16.97 -13.87 -3.02
CA LYS B 100 17.29 -14.56 -1.79
C LYS B 100 15.97 -14.64 -1.04
N TYR B 101 15.67 -15.79 -0.47
CA TYR B 101 14.36 -15.91 0.17
C TYR B 101 14.33 -17.01 1.22
N LYS B 102 13.21 -17.08 1.93
CA LYS B 102 12.97 -18.13 2.89
C LYS B 102 11.46 -18.25 3.04
N PHE B 103 10.98 -19.40 3.52
CA PHE B 103 9.57 -19.59 3.86
C PHE B 103 9.43 -19.48 5.37
N VAL B 104 8.52 -18.62 5.82
CA VAL B 104 8.24 -18.57 7.26
C VAL B 104 6.74 -18.63 7.51
N ARG B 105 6.37 -19.13 8.68
CA ARG B 105 4.99 -19.15 9.12
C ARG B 105 4.86 -18.05 10.15
N ILE B 106 4.07 -17.03 9.84
CA ILE B 106 3.89 -15.88 10.73
C ILE B 106 2.87 -16.21 11.81
N GLN B 107 2.94 -15.44 12.90
CA GLN B 107 2.05 -15.61 14.05
C GLN B 107 0.86 -14.67 13.91
N PRO B 108 -0.26 -14.99 14.60
CA PRO B 108 -1.40 -14.08 14.53
C PRO B 108 -0.97 -12.67 14.96
N GLY B 109 -1.53 -11.64 14.33
CA GLY B 109 -1.19 -10.27 14.68
C GLY B 109 -0.08 -9.70 13.81
N GLN B 110 0.77 -10.56 13.27
CA GLN B 110 1.92 -10.08 12.49
C GLN B 110 1.48 -9.62 11.11
N THR B 111 2.25 -8.72 10.51
CA THR B 111 1.89 -8.18 9.21
C THR B 111 2.75 -8.68 8.06
N PHE B 112 2.23 -8.53 6.85
CA PHE B 112 2.97 -8.81 5.63
C PHE B 112 2.35 -8.03 4.48
N SER B 113 3.06 -7.95 3.35
CA SER B 113 2.54 -7.30 2.17
C SER B 113 1.98 -8.36 1.24
N VAL B 114 0.84 -8.06 0.63
CA VAL B 114 0.24 -8.95 -0.35
C VAL B 114 0.35 -8.38 -1.76
N LEU B 115 0.92 -9.19 -2.66
CA LEU B 115 0.91 -8.88 -4.10
C LEU B 115 -0.28 -9.59 -4.76
N ALA B 116 -1.37 -8.84 -4.92
CA ALA B 116 -2.56 -9.33 -5.62
C ALA B 116 -2.23 -9.55 -7.09
N CYS B 117 -2.52 -10.75 -7.58
CA CYS B 117 -2.16 -11.16 -8.93
CA CYS B 117 -2.15 -11.15 -8.92
C CYS B 117 -3.32 -11.82 -9.65
N TYR B 118 -3.35 -11.70 -10.97
CA TYR B 118 -4.37 -12.35 -11.80
C TYR B 118 -3.79 -12.80 -13.14
N ASN B 119 -4.01 -14.05 -13.52
CA ASN B 119 -3.48 -14.58 -14.77
C ASN B 119 -1.95 -14.51 -14.85
N GLY B 120 -1.31 -14.57 -13.69
CA GLY B 120 0.14 -14.43 -13.59
C GLY B 120 0.64 -12.99 -13.57
N SER B 121 -0.29 -12.03 -13.59
CA SER B 121 0.06 -10.62 -13.68
C SER B 121 -0.25 -9.85 -12.42
N PRO B 122 0.79 -9.34 -11.78
CA PRO B 122 0.64 -8.55 -10.55
C PRO B 122 -0.21 -7.33 -10.80
N SER B 123 -1.24 -7.11 -9.98
CA SER B 123 -2.23 -6.06 -10.19
C SER B 123 -2.16 -4.95 -9.13
N GLY B 124 -1.68 -5.29 -7.94
CA GLY B 124 -1.70 -4.36 -6.81
C GLY B 124 -0.98 -4.90 -5.60
N VAL B 125 -0.53 -4.00 -4.72
CA VAL B 125 0.12 -4.44 -3.50
C VAL B 125 -0.41 -3.64 -2.31
N TYR B 126 -0.62 -4.30 -1.18
CA TYR B 126 -1.12 -3.63 0.00
C TYR B 126 -0.60 -4.33 1.24
N GLN B 127 -0.64 -3.63 2.37
CA GLN B 127 -0.19 -4.18 3.65
C GLN B 127 -1.41 -4.70 4.39
N CYS B 128 -1.27 -5.82 5.09
CA CYS B 128 -2.36 -6.33 5.95
C CYS B 128 -1.79 -7.09 7.15
N ALA B 129 -2.64 -7.46 8.08
CA ALA B 129 -2.20 -8.23 9.24
C ALA B 129 -2.96 -9.54 9.32
N MET B 130 -2.25 -10.60 9.71
CA MET B 130 -2.89 -11.86 10.03
C MET B 130 -3.75 -11.58 11.25
N ARG B 131 -5.06 -11.71 11.11
CA ARG B 131 -5.98 -11.39 12.20
C ARG B 131 -5.89 -12.45 13.32
N PRO B 132 -6.34 -12.08 14.52
CA PRO B 132 -6.33 -13.06 15.61
C PRO B 132 -7.10 -14.33 15.24
N ASN B 133 -8.16 -14.20 14.45
CA ASN B 133 -8.94 -15.37 14.06
C ASN B 133 -8.37 -16.10 12.83
N HIS B 134 -7.10 -15.83 12.53
CA HIS B 134 -6.36 -16.59 11.51
C HIS B 134 -6.83 -16.35 10.08
N THR B 135 -7.51 -15.23 9.88
CA THR B 135 -7.88 -14.79 8.55
C THR B 135 -7.15 -13.48 8.23
N ILE B 136 -7.22 -13.07 6.98
CA ILE B 136 -6.79 -11.72 6.63
C ILE B 136 -7.95 -10.98 5.99
N LYS B 137 -8.06 -9.69 6.28
CA LYS B 137 -9.06 -8.88 5.63
C LYS B 137 -8.44 -8.26 4.38
N GLY B 138 -8.46 -9.03 3.29
CA GLY B 138 -7.79 -8.67 2.06
C GLY B 138 -8.73 -8.13 0.99
N SER B 139 -8.21 -7.92 -0.22
CA SER B 139 -9.01 -7.50 -1.37
C SER B 139 -8.68 -8.47 -2.49
N PHE B 140 -9.62 -9.34 -2.81
CA PHE B 140 -9.35 -10.42 -3.76
C PHE B 140 -10.57 -10.73 -4.61
N LEU B 141 -10.36 -11.03 -5.89
CA LEU B 141 -11.44 -11.42 -6.78
C LEU B 141 -11.16 -12.82 -7.34
N ASN B 142 -12.07 -13.32 -8.18
CA ASN B 142 -11.83 -14.60 -8.84
C ASN B 142 -10.48 -14.60 -9.55
N GLY B 143 -9.77 -15.71 -9.45
CA GLY B 143 -8.50 -15.87 -10.15
C GLY B 143 -7.32 -15.33 -9.38
N SER B 144 -7.55 -14.85 -8.15
CA SER B 144 -6.46 -14.33 -7.33
C SER B 144 -5.71 -15.39 -6.50
N CYS B 145 -6.20 -16.62 -6.49
CA CYS B 145 -5.55 -17.70 -5.70
C CYS B 145 -4.14 -17.89 -6.17
N GLY B 146 -3.22 -18.23 -5.29
CA GLY B 146 -1.82 -18.30 -5.69
C GLY B 146 -1.05 -17.03 -5.40
N SER B 147 -1.75 -15.91 -5.21
CA SER B 147 -1.10 -14.66 -4.81
C SER B 147 -0.42 -14.87 -3.46
N VAL B 148 0.72 -14.19 -3.23
CA VAL B 148 1.49 -14.44 -2.02
C VAL B 148 1.63 -13.22 -1.11
N GLY B 149 1.85 -13.48 0.18
CA GLY B 149 2.19 -12.43 1.11
C GLY B 149 3.61 -12.63 1.61
N PHE B 150 4.28 -11.55 1.97
CA PHE B 150 5.70 -11.64 2.27
C PHE B 150 6.19 -10.46 3.11
N ASN B 151 7.38 -10.62 3.66
CA ASN B 151 8.14 -9.52 4.24
C ASN B 151 9.52 -9.51 3.57
N ILE B 152 10.22 -8.40 3.67
CA ILE B 152 11.61 -8.32 3.22
C ILE B 152 12.49 -7.85 4.37
N ASP B 153 13.64 -8.48 4.53
CA ASP B 153 14.59 -8.14 5.58
C ASP B 153 15.95 -8.03 4.92
N TYR B 154 16.46 -6.81 4.80
CA TYR B 154 17.70 -6.58 4.07
C TYR B 154 17.49 -6.82 2.58
N ASP B 155 17.98 -7.93 2.09
CA ASP B 155 17.80 -8.30 0.70
C ASP B 155 17.06 -9.63 0.56
N CYS B 156 16.53 -10.13 1.68
CA CYS B 156 15.88 -11.45 1.74
C CYS B 156 14.34 -11.41 1.84
N VAL B 157 13.68 -12.13 0.94
CA VAL B 157 12.22 -12.18 0.94
C VAL B 157 11.71 -13.35 1.78
N SER B 158 10.94 -13.04 2.81
CA SER B 158 10.29 -14.07 3.59
C SER B 158 8.86 -14.24 3.12
N PHE B 159 8.60 -15.32 2.39
CA PHE B 159 7.23 -15.61 1.97
C PHE B 159 6.50 -16.26 3.11
N CYS B 160 5.30 -15.77 3.39
CA CYS B 160 4.57 -16.28 4.54
C CYS B 160 3.13 -16.66 4.25
N TYR B 161 2.64 -16.32 3.07
CA TYR B 161 1.24 -16.55 2.78
C TYR B 161 1.02 -16.84 1.30
N MET B 162 0.12 -17.78 1.02
CA MET B 162 -0.38 -17.99 -0.32
C MET B 162 -1.91 -18.07 -0.28
N HIS B 163 -2.57 -17.33 -1.16
CA HIS B 163 -4.02 -17.19 -1.07
C HIS B 163 -4.76 -18.41 -1.59
N HIS B 164 -5.81 -18.83 -0.86
CA HIS B 164 -6.56 -20.01 -1.27
C HIS B 164 -8.07 -19.78 -1.46
N MET B 165 -8.68 -18.99 -0.58
CA MET B 165 -10.13 -18.88 -0.60
C MET B 165 -10.67 -17.72 0.21
N GLU B 166 -11.93 -17.44 -0.04
CA GLU B 166 -12.66 -16.34 0.56
C GLU B 166 -13.81 -16.92 1.35
N LEU B 167 -13.94 -16.49 2.60
CA LEU B 167 -14.97 -17.02 3.49
C LEU B 167 -16.20 -16.14 3.35
N PRO B 168 -17.35 -16.58 3.90
CA PRO B 168 -18.64 -15.90 3.66
C PRO B 168 -18.72 -14.44 4.15
N THR B 169 -17.87 -14.04 5.07
CA THR B 169 -17.87 -12.65 5.52
C THR B 169 -16.98 -11.80 4.62
N GLY B 170 -16.49 -12.39 3.54
CA GLY B 170 -15.63 -11.69 2.59
C GLY B 170 -14.24 -11.45 3.12
N VAL B 171 -13.81 -12.28 4.07
CA VAL B 171 -12.42 -12.27 4.52
C VAL B 171 -11.75 -13.50 3.93
N HIS B 172 -10.45 -13.61 4.11
CA HIS B 172 -9.64 -14.54 3.32
C HIS B 172 -8.77 -15.48 4.14
N ALA B 173 -8.54 -16.66 3.58
CA ALA B 173 -7.74 -17.69 4.23
C ALA B 173 -6.83 -18.33 3.21
N GLY B 174 -5.72 -18.86 3.71
CA GLY B 174 -4.69 -19.40 2.84
C GLY B 174 -3.68 -20.16 3.68
N THR B 175 -2.57 -20.55 3.05
CA THR B 175 -1.62 -21.41 3.70
C THR B 175 -0.28 -20.69 3.83
N ASP B 176 0.66 -21.29 4.54
CA ASP B 176 2.05 -20.86 4.43
C ASP B 176 2.64 -21.51 3.19
N LEU B 177 3.94 -21.36 2.99
CA LEU B 177 4.57 -21.86 1.77
C LEU B 177 4.91 -23.35 1.88
N GLU B 178 4.48 -23.98 2.96
CA GLU B 178 4.56 -25.42 3.08
C GLU B 178 3.21 -26.08 2.83
N GLY B 179 2.20 -25.25 2.55
CA GLY B 179 0.88 -25.76 2.20
C GLY B 179 -0.05 -25.94 3.39
N LYS B 180 0.42 -25.55 4.58
CA LYS B 180 -0.36 -25.67 5.83
C LYS B 180 -1.22 -24.44 6.07
N PHE B 181 -2.52 -24.64 6.18
CA PHE B 181 -3.42 -23.51 6.40
C PHE B 181 -3.13 -22.78 7.71
N TYR B 182 -3.35 -21.47 7.69
CA TYR B 182 -3.51 -20.70 8.92
C TYR B 182 -4.96 -20.88 9.36
N GLY B 183 -5.16 -21.21 10.63
CA GLY B 183 -6.50 -21.48 11.13
C GLY B 183 -6.99 -22.88 10.76
N PRO B 184 -8.27 -23.15 11.00
CA PRO B 184 -8.82 -24.50 10.87
C PRO B 184 -9.37 -24.84 9.49
N PHE B 185 -9.25 -23.91 8.54
CA PHE B 185 -9.93 -24.08 7.25
C PHE B 185 -9.32 -25.17 6.38
N VAL B 186 -10.10 -25.68 5.44
CA VAL B 186 -9.61 -26.67 4.48
C VAL B 186 -9.95 -26.23 3.05
N ASP B 187 -9.16 -26.64 2.06
CA ASP B 187 -9.37 -26.18 0.68
C ASP B 187 -10.47 -26.95 -0.07
N ARG B 188 -11.70 -26.86 0.45
CA ARG B 188 -12.87 -27.33 -0.28
C ARG B 188 -14.02 -26.34 -0.10
N GLN B 189 -14.88 -26.27 -1.11
CA GLN B 189 -16.06 -25.42 -1.03
C GLN B 189 -17.13 -26.01 -0.10
N THR B 190 -16.71 -26.40 1.10
CA THR B 190 -17.64 -26.74 2.17
C THR B 190 -18.04 -25.50 2.97
N ALA B 191 -19.05 -25.67 3.81
CA ALA B 191 -19.48 -24.61 4.71
C ALA B 191 -18.45 -24.43 5.79
N GLN B 192 -17.73 -23.31 5.75
CA GLN B 192 -16.82 -22.91 6.82
C GLN B 192 -17.02 -21.43 7.04
N ALA B 193 -16.67 -20.95 8.23
CA ALA B 193 -16.79 -19.54 8.54
C ALA B 193 -15.73 -19.12 9.54
N ALA B 194 -15.26 -17.90 9.41
CA ALA B 194 -14.28 -17.38 10.33
C ALA B 194 -14.88 -17.24 11.72
N GLY B 195 -14.05 -17.54 12.72
CA GLY B 195 -14.39 -17.33 14.11
C GLY B 195 -14.42 -15.85 14.47
N THR B 196 -15.03 -15.51 15.60
CA THR B 196 -15.05 -14.11 16.05
C THR B 196 -13.64 -13.57 16.16
N ASP B 197 -13.47 -12.27 15.96
CA ASP B 197 -12.14 -11.65 15.91
C ASP B 197 -11.97 -10.56 16.94
N THR B 198 -10.71 -10.25 17.25
CA THR B 198 -10.40 -9.27 18.29
C THR B 198 -9.40 -8.25 17.80
N THR B 199 -9.26 -7.15 18.54
CA THR B 199 -8.32 -6.11 18.12
C THR B 199 -6.94 -6.51 18.59
N ILE B 200 -5.94 -6.26 17.74
CA ILE B 200 -4.57 -6.67 18.02
C ILE B 200 -3.91 -5.69 18.98
N THR B 201 -4.10 -5.94 20.27
CA THR B 201 -3.64 -5.04 21.33
C THR B 201 -2.16 -4.66 21.20
N LEU B 202 -1.32 -5.66 20.96
CA LEU B 202 0.10 -5.45 20.76
C LEU B 202 0.39 -4.37 19.72
N ASN B 203 -0.31 -4.44 18.58
CA ASN B 203 -0.15 -3.48 17.49
C ASN B 203 -0.67 -2.08 17.80
N VAL B 204 -1.83 -2.01 18.46
CA VAL B 204 -2.36 -0.72 18.91
C VAL B 204 -1.32 -0.04 19.80
N LEU B 205 -0.79 -0.77 20.76
CA LEU B 205 0.26 -0.24 21.63
C LEU B 205 1.45 0.23 20.80
N ALA B 206 1.86 -0.59 19.83
CA ALA B 206 3.00 -0.22 19.00
C ALA B 206 2.73 1.09 18.30
N TRP B 207 1.54 1.21 17.73
CA TRP B 207 1.10 2.39 16.97
C TRP B 207 1.10 3.62 17.88
N LEU B 208 0.67 3.42 19.12
CA LEU B 208 0.68 4.49 20.12
C LEU B 208 2.11 4.99 20.37
N TYR B 209 3.06 4.06 20.52
CA TYR B 209 4.48 4.42 20.53
C TYR B 209 4.88 5.20 19.27
N ALA B 210 4.40 4.78 18.11
CA ALA B 210 4.76 5.46 16.87
C ALA B 210 4.23 6.89 16.94
N ALA B 211 3.07 7.04 17.55
CA ALA B 211 2.47 8.36 17.66
C ALA B 211 3.38 9.24 18.49
N VAL B 212 3.81 8.73 19.63
CA VAL B 212 4.69 9.51 20.50
C VAL B 212 6.02 9.85 19.81
N ILE B 213 6.57 8.90 19.07
CA ILE B 213 7.86 9.14 18.43
C ILE B 213 7.69 10.25 17.42
N ASN B 214 6.50 10.36 16.86
CA ASN B 214 6.17 11.42 15.90
C ASN B 214 5.65 12.74 16.51
N GLY B 215 5.70 12.86 17.85
CA GLY B 215 5.31 14.09 18.52
C GLY B 215 3.84 14.19 18.90
N ASP B 216 3.10 13.11 18.69
CA ASP B 216 1.69 13.02 19.03
C ASP B 216 1.55 12.32 20.37
N ARG B 217 1.36 13.08 21.45
CA ARG B 217 1.47 12.48 22.76
C ARG B 217 0.48 13.05 23.80
N TRP B 218 -0.53 13.79 23.34
CA TRP B 218 -1.54 14.34 24.24
C TRP B 218 -2.22 13.27 25.12
N PHE B 219 -2.20 12.01 24.67
CA PHE B 219 -2.91 10.93 25.34
C PHE B 219 -2.17 10.33 26.55
N LEU B 220 -0.87 10.58 26.65
CA LEU B 220 -0.09 10.02 27.75
C LEU B 220 -0.62 10.56 29.07
N ASN B 221 -0.40 9.83 30.15
CA ASN B 221 -0.75 10.31 31.47
C ASN B 221 0.27 9.91 32.52
N ARG B 222 0.04 10.34 33.76
CA ARG B 222 1.02 10.16 34.82
C ARG B 222 0.81 8.89 35.64
N PHE B 223 -0.08 8.03 35.18
CA PHE B 223 -0.44 6.81 35.92
C PHE B 223 0.06 5.53 35.26
N THR B 224 -0.07 4.42 35.98
CA THR B 224 0.29 3.13 35.44
C THR B 224 -0.84 2.17 35.79
N THR B 225 -0.68 0.91 35.38
CA THR B 225 -1.66 -0.10 35.73
C THR B 225 -1.01 -1.46 35.79
N THR B 226 -1.69 -2.43 36.38
CA THR B 226 -1.20 -3.80 36.34
C THR B 226 -1.68 -4.40 35.03
N LEU B 227 -0.98 -5.45 34.62
CA LEU B 227 -1.32 -6.20 33.41
C LEU B 227 -2.73 -6.75 33.53
N ASN B 228 -3.01 -7.41 34.65
CA ASN B 228 -4.34 -7.97 34.86
C ASN B 228 -5.44 -6.91 34.81
N ASP B 229 -5.17 -5.76 35.41
CA ASP B 229 -6.16 -4.68 35.45
C ASP B 229 -6.37 -4.13 34.04
N PHE B 230 -5.32 -4.09 33.25
CA PHE B 230 -5.46 -3.66 31.87
C PHE B 230 -6.37 -4.63 31.10
N ASN B 231 -6.08 -5.92 31.23
CA ASN B 231 -6.82 -6.94 30.50
C ASN B 231 -8.31 -6.99 30.85
N LEU B 232 -8.65 -6.61 32.07
CA LEU B 232 -10.05 -6.52 32.45
C LEU B 232 -10.81 -5.47 31.64
N VAL B 233 -10.21 -4.30 31.46
CA VAL B 233 -10.83 -3.26 30.64
C VAL B 233 -10.69 -3.62 29.17
N ALA B 234 -9.50 -4.04 28.78
CA ALA B 234 -9.22 -4.31 27.38
C ALA B 234 -10.24 -5.28 26.80
N MET B 235 -10.53 -6.36 27.51
CA MET B 235 -11.36 -7.41 26.96
C MET B 235 -12.84 -7.02 26.87
N LYS B 236 -13.25 -6.01 27.63
CA LYS B 236 -14.60 -5.47 27.49
C LYS B 236 -14.73 -4.81 26.14
N TYR B 237 -13.62 -4.28 25.65
CA TYR B 237 -13.61 -3.60 24.36
C TYR B 237 -13.17 -4.56 23.26
N ASN B 238 -13.15 -5.85 23.56
CA ASN B 238 -12.81 -6.89 22.58
C ASN B 238 -11.39 -6.81 22.06
N TYR B 239 -10.48 -6.43 22.94
CA TYR B 239 -9.05 -6.47 22.66
C TYR B 239 -8.47 -7.84 23.03
N GLU B 240 -7.53 -8.33 22.22
CA GLU B 240 -6.70 -9.48 22.61
C GLU B 240 -6.15 -9.28 24.03
N PRO B 241 -6.17 -10.35 24.84
CA PRO B 241 -5.51 -10.22 26.15
C PRO B 241 -4.03 -9.89 25.94
N LEU B 242 -3.50 -8.99 26.75
CA LEU B 242 -2.08 -8.63 26.64
C LEU B 242 -1.29 -9.55 27.55
N THR B 243 -0.17 -10.06 27.05
CA THR B 243 0.65 -11.00 27.80
C THR B 243 2.03 -10.39 28.08
N GLN B 244 2.75 -11.00 29.02
CA GLN B 244 4.10 -10.57 29.38
C GLN B 244 5.02 -10.68 28.16
N ASP B 245 4.77 -11.69 27.33
CA ASP B 245 5.55 -11.84 26.11
C ASP B 245 5.38 -10.60 25.25
N HIS B 246 4.12 -10.20 25.02
CA HIS B 246 3.85 -8.97 24.28
C HIS B 246 4.58 -7.76 24.89
N VAL B 247 4.55 -7.64 26.21
CA VAL B 247 5.22 -6.54 26.91
C VAL B 247 6.69 -6.49 26.55
N ASP B 248 7.33 -7.65 26.53
CA ASP B 248 8.75 -7.69 26.19
C ASP B 248 9.03 -7.35 24.75
N ILE B 249 8.11 -7.70 23.85
CA ILE B 249 8.30 -7.43 22.43
C ILE B 249 8.24 -5.92 22.18
N LEU B 250 7.52 -5.21 23.06
CA LEU B 250 7.44 -3.74 23.04
C LEU B 250 8.67 -3.11 23.70
N GLY B 251 9.60 -3.96 24.13
CA GLY B 251 10.82 -3.53 24.79
C GLY B 251 11.56 -2.37 24.12
N PRO B 252 12.01 -2.57 22.86
CA PRO B 252 12.74 -1.51 22.16
C PRO B 252 11.95 -0.20 22.08
N LEU B 253 10.64 -0.26 21.81
CA LEU B 253 9.88 0.99 21.68
C LEU B 253 9.73 1.70 23.02
N SER B 254 9.65 0.90 24.08
CA SER B 254 9.52 1.44 25.42
C SER B 254 10.83 2.07 25.83
N ALA B 255 11.95 1.51 25.37
CA ALA B 255 13.26 2.07 25.64
C ALA B 255 13.44 3.39 24.89
N GLN B 256 13.12 3.40 23.61
CA GLN B 256 13.33 4.57 22.77
C GLN B 256 12.63 5.78 23.36
N THR B 257 11.43 5.56 23.87
CA THR B 257 10.56 6.64 24.33
C THR B 257 10.63 6.86 25.83
N GLY B 258 11.28 5.94 26.55
CA GLY B 258 11.23 5.95 28.01
C GLY B 258 9.83 5.84 28.61
N ILE B 259 8.87 5.34 27.86
CA ILE B 259 7.54 5.10 28.43
C ILE B 259 7.34 3.62 28.66
N ALA B 260 7.23 3.23 29.93
CA ALA B 260 7.02 1.83 30.28
C ALA B 260 5.74 1.31 29.62
N VAL B 261 5.75 0.06 29.17
CA VAL B 261 4.56 -0.51 28.54
C VAL B 261 3.29 -0.36 29.37
N LEU B 262 3.40 -0.61 30.67
CA LEU B 262 2.23 -0.51 31.53
C LEU B 262 1.75 0.93 31.65
N ASP B 263 2.69 1.88 31.58
CA ASP B 263 2.34 3.30 31.56
C ASP B 263 1.54 3.61 30.30
N MET B 264 1.98 3.05 29.17
CA MET B 264 1.21 3.21 27.94
C MET B 264 -0.15 2.51 28.01
N CYS B 265 -0.21 1.38 28.70
CA CYS B 265 -1.48 0.67 28.85
C CYS B 265 -2.54 1.54 29.58
N ALA B 266 -2.09 2.30 30.58
CA ALA B 266 -3.02 3.18 31.30
C ALA B 266 -3.55 4.24 30.35
N ALA B 267 -2.69 4.72 29.47
CA ALA B 267 -3.12 5.71 28.48
C ALA B 267 -4.12 5.08 27.52
N LEU B 268 -3.86 3.84 27.11
CA LEU B 268 -4.78 3.12 26.26
C LEU B 268 -6.09 2.80 27.00
N LYS B 269 -5.98 2.43 28.27
CA LYS B 269 -7.16 2.21 29.13
C LYS B 269 -8.09 3.44 29.08
N GLU B 270 -7.53 4.60 29.38
CA GLU B 270 -8.26 5.86 29.37
C GLU B 270 -8.84 6.19 28.00
N LEU B 271 -8.11 5.86 26.94
CA LEU B 271 -8.57 6.10 25.57
C LEU B 271 -9.79 5.26 25.22
N LEU B 272 -9.79 4.01 25.67
CA LEU B 272 -10.91 3.12 25.38
C LEU B 272 -12.16 3.55 26.15
N GLN B 273 -11.95 3.97 27.39
CA GLN B 273 -13.06 4.28 28.28
C GLN B 273 -13.61 5.66 28.02
N ASN B 274 -12.74 6.58 27.62
CA ASN B 274 -13.20 7.95 27.45
C ASN B 274 -13.32 8.36 26.01
N GLY B 275 -12.83 7.52 25.10
CA GLY B 275 -12.83 7.88 23.70
C GLY B 275 -11.77 8.93 23.42
N MET B 276 -11.87 9.61 22.28
CA MET B 276 -10.81 10.53 21.89
C MET B 276 -11.19 11.97 22.22
N ASN B 277 -12.50 12.22 22.33
CA ASN B 277 -13.01 13.57 22.56
C ASN B 277 -12.64 14.55 21.42
N GLY B 278 -12.76 14.08 20.18
CA GLY B 278 -12.58 14.95 19.03
C GLY B 278 -11.15 15.03 18.51
N ARG B 279 -10.21 14.67 19.35
CA ARG B 279 -8.81 14.77 18.95
C ARG B 279 -8.42 13.58 18.07
N THR B 280 -7.24 13.67 17.46
CA THR B 280 -6.76 12.60 16.58
C THR B 280 -5.36 12.11 16.96
N ILE B 281 -5.00 10.94 16.47
CA ILE B 281 -3.70 10.38 16.77
C ILE B 281 -3.07 9.93 15.46
N LEU B 282 -1.89 10.48 15.15
CA LEU B 282 -1.28 10.27 13.85
C LEU B 282 -2.35 10.46 12.76
N GLY B 283 -3.21 11.44 12.97
CA GLY B 283 -4.17 11.86 11.95
C GLY B 283 -5.44 11.03 11.98
N SER B 284 -5.42 9.93 12.74
CA SER B 284 -6.54 9.01 12.79
C SER B 284 -7.54 9.29 13.91
N THR B 285 -8.78 8.89 13.70
CA THR B 285 -9.81 9.02 14.73
C THR B 285 -10.02 7.69 15.44
N ILE B 286 -9.47 6.61 14.89
CA ILE B 286 -9.52 5.29 15.51
C ILE B 286 -8.15 4.76 15.93
N LEU B 287 -8.16 3.67 16.70
CA LEU B 287 -6.92 3.08 17.18
C LEU B 287 -6.45 2.01 16.20
N GLU B 288 -5.39 2.33 15.45
CA GLU B 288 -4.93 1.43 14.38
C GLU B 288 -4.30 0.14 14.94
N ASP B 289 -4.69 -1.02 14.40
CA ASP B 289 -4.09 -2.29 14.87
C ASP B 289 -3.36 -3.16 13.84
N GLU B 290 -2.99 -2.60 12.69
CA GLU B 290 -2.23 -3.39 11.72
C GLU B 290 -0.81 -2.84 11.45
N PHE B 291 -0.22 -2.21 12.47
CA PHE B 291 1.22 -1.91 12.51
C PHE B 291 1.85 -2.65 13.67
N THR B 292 2.86 -3.47 13.41
CA THR B 292 3.52 -4.22 14.47
C THR B 292 4.65 -3.38 15.05
N PRO B 293 5.17 -3.78 16.21
CA PRO B 293 6.34 -3.08 16.75
C PRO B 293 7.47 -2.94 15.74
N PHE B 294 7.64 -3.95 14.91
CA PHE B 294 8.73 -3.98 13.96
C PHE B 294 8.44 -2.99 12.85
N ASP B 295 7.18 -2.96 12.41
CA ASP B 295 6.77 -2.02 11.37
C ASP B 295 7.10 -0.60 11.82
N VAL B 296 6.82 -0.30 13.07
CA VAL B 296 7.08 1.02 13.61
C VAL B 296 8.57 1.41 13.57
N VAL B 297 9.44 0.56 14.12
CA VAL B 297 10.89 0.76 14.01
C VAL B 297 11.34 0.95 12.56
N ARG B 298 11.03 -0.02 11.72
CA ARG B 298 11.45 0.05 10.34
CA ARG B 298 11.42 0.04 10.32
C ARG B 298 11.06 1.37 9.68
N GLN B 299 9.85 1.86 9.96
CA GLN B 299 9.40 3.08 9.31
C GLN B 299 10.06 4.33 9.91
N CYS B 300 10.00 4.44 11.24
CA CYS B 300 10.55 5.62 11.91
C CYS B 300 12.07 5.63 11.83
N SER B 301 12.66 4.50 11.47
CA SER B 301 14.11 4.39 11.34
C SER B 301 14.58 4.46 9.87
N GLY B 302 13.64 4.51 8.93
CA GLY B 302 13.97 4.74 7.53
C GLY B 302 14.65 3.56 6.82
N VAL B 303 14.46 2.36 7.34
CA VAL B 303 15.06 1.16 6.78
C VAL B 303 14.78 0.99 5.27
N THR B 304 15.79 0.60 4.50
CA THR B 304 15.58 0.30 3.08
C THR B 304 16.03 -1.13 2.74
N PHE B 305 15.94 -1.49 1.46
CA PHE B 305 16.16 -2.87 1.06
C PHE B 305 17.01 -2.93 -0.21
N GLN B 306 18.00 -3.82 -0.26
CA GLN B 306 18.79 -4.03 -1.48
C GLN B 306 18.40 -5.28 -2.27
C1 PHQ C 1 8.45 26.22 5.54
O1 PHQ C 1 8.20 27.23 6.18
O2 PHQ C 1 8.54 24.93 6.21
C2 PHQ C 1 8.29 24.86 7.63
C3 PHQ C 1 7.95 23.49 8.04
C4 PHQ C 1 7.67 23.17 9.37
C5 PHQ C 1 7.36 21.86 9.69
C6 PHQ C 1 7.32 20.87 8.71
C7 PHQ C 1 7.60 21.19 7.38
C8 PHQ C 1 7.91 22.50 7.05
N ALA C 2 8.67 26.22 4.22
CA ALA C 2 8.97 24.95 3.53
C ALA C 2 10.31 24.35 3.89
N VAL C 3 10.43 23.02 3.78
CA VAL C 3 11.68 22.30 4.07
C VAL C 3 11.99 21.41 2.90
N LEU C 4 13.03 21.75 2.13
CA LEU C 4 13.43 20.95 0.99
C LEU C 4 13.77 19.57 1.48
C 0JU C 5 13.70 16.25 0.40
NF 0JU C 5 14.48 15.32 0.70
CA 0JU C 5 13.21 17.20 1.47
N 0JU C 5 13.00 18.57 1.02
CB 0JU C 5 11.82 16.78 1.93
CG 0JU C 5 11.87 15.70 2.99
CD 0JU C 5 10.55 15.68 3.70
OE 0JU C 5 9.50 15.52 3.08
NE 0JU C 5 10.55 15.87 5.02
C1 PHQ D 1 -18.22 -21.10 2.06
O1 PHQ D 1 -19.29 -21.56 2.40
O2 PHQ D 1 -18.06 -19.67 1.86
C2 PHQ D 1 -19.26 -18.95 1.47
C3 PHQ D 1 -19.09 -17.64 0.79
C4 PHQ D 1 -17.80 -17.16 0.57
C5 PHQ D 1 -17.59 -15.95 -0.06
C6 PHQ D 1 -18.67 -15.19 -0.48
C7 PHQ D 1 -19.97 -15.65 -0.26
C8 PHQ D 1 -20.19 -16.88 0.38
N ALA D 2 -17.16 -21.87 1.86
CA ALA D 2 -15.95 -21.18 1.45
C ALA D 2 -15.95 -21.14 -0.05
N VAL D 3 -15.23 -20.18 -0.64
CA VAL D 3 -15.19 -20.14 -2.11
C VAL D 3 -13.77 -20.19 -2.55
N LEU D 4 -13.35 -21.28 -3.20
CA LEU D 4 -11.97 -21.32 -3.64
C LEU D 4 -11.78 -20.21 -4.63
C 0JU D 5 -9.00 -18.41 -5.84
NF 0JU D 5 -8.79 -18.08 -7.05
CA 0JU D 5 -10.39 -18.33 -5.30
N 0JU D 5 -10.70 -19.45 -4.44
CB 0JU D 5 -10.42 -17.12 -4.38
CG 0JU D 5 -11.41 -16.09 -4.85
CD 0JU D 5 -11.32 -14.92 -3.90
OE 0JU D 5 -10.71 -15.01 -2.85
NE 0JU D 5 -11.94 -13.80 -4.27
C1 EDO E . 20.08 14.70 -21.09
O1 EDO E . 18.95 13.88 -21.41
C2 EDO E . 19.67 16.13 -20.73
O2 EDO E . 20.82 16.92 -20.37
C1 EDO F . 11.19 -11.58 23.65
O1 EDO F . 10.70 -12.76 22.97
C2 EDO F . 10.68 -11.62 25.09
O2 EDO F . 11.00 -12.87 25.70
C1 EDO G . -3.51 -22.58 13.88
O1 EDO G . -3.29 -22.00 12.58
C2 EDO G . -4.79 -22.02 14.49
O2 EDO G . -5.82 -23.01 14.43
#